data_4CY5
#
_entry.id   4CY5
#
_cell.length_a   81.480
_cell.length_b   86.210
_cell.length_c   47.620
_cell.angle_alpha   90.00
_cell.angle_beta   90.00
_cell.angle_gamma   90.00
#
_symmetry.space_group_name_H-M   'P 21 21 2'
#
loop_
_entity.id
_entity.type
_entity.pdbx_description
1 polymer 'PROTEIN WILL DIE SLOWLY'
2 polymer 'DIM GAMMA-TUBULIN 1'
3 polymer 'CG4699, ISOFORM D'
4 water water
#
loop_
_entity_poly.entity_id
_entity_poly.type
_entity_poly.pdbx_seq_one_letter_code
_entity_poly.pdbx_strand_id
1 'polypeptide(L)'
;GAMGASNKSSLSVKPNYTLKFTLAGHTKAVSAVKFSPNGEWLASSSADKLIKIWGAYDGKFEKTISGHKLGISDVAWSSD
SRLLVSGSDDKTLKVWELSTGKSLKTLKGHSNYVFCCNFNPQSNLIVSGSFDESVRIWDVRTGKCLKTLPAHSDPVSAVH
FNRDGSLIVSSSYDGLCRIWDTASGQCLKTLIDDDNPPVSFVKFSPNGKYILAATLDNTLKLWDYSKGKCLKTYTGHKNE
KYCIFANFSVTGGKWIVSGSEDNMVYIWNLQSKEVVQKLQGHTDTVLCTACHPTENIIASAALENDKTIKLWKSDT
;
A
2 'polypeptide(L)' YRDDDEIDVVSPH C
3 'polypeptide(L)' GSDYLCSRARPLVLSE D
#
# COMPACT_ATOMS: atom_id res chain seq x y z
N VAL A 13 -9.17 -10.27 -23.93
CA VAL A 13 -9.67 -9.32 -22.88
C VAL A 13 -8.50 -8.48 -22.36
N LYS A 14 -8.50 -7.17 -22.65
CA LYS A 14 -7.27 -6.37 -22.48
C LYS A 14 -7.51 -4.86 -22.27
N PRO A 15 -6.80 -4.24 -21.28
CA PRO A 15 -7.03 -2.82 -20.98
C PRO A 15 -6.25 -1.84 -21.86
N ASN A 16 -6.60 -0.57 -21.74
CA ASN A 16 -6.01 0.50 -22.53
C ASN A 16 -5.95 1.81 -21.72
N TYR A 17 -5.30 1.74 -20.56
CA TYR A 17 -5.12 2.93 -19.74
C TYR A 17 -4.34 3.99 -20.53
N THR A 18 -4.87 5.22 -20.53
CA THR A 18 -4.17 6.34 -21.11
C THR A 18 -4.05 7.45 -20.08
N LEU A 19 -2.97 8.20 -20.18
CA LEU A 19 -2.71 9.31 -19.28
C LEU A 19 -3.76 10.41 -19.41
N LYS A 20 -4.37 10.80 -18.30
CA LYS A 20 -5.33 11.89 -18.32
C LYS A 20 -4.85 13.13 -17.59
N PHE A 21 -4.24 12.96 -16.42
CA PHE A 21 -3.72 14.08 -15.64
C PHE A 21 -2.35 13.79 -15.02
N THR A 22 -1.53 14.83 -14.93
CA THR A 22 -0.33 14.82 -14.10
C THR A 22 -0.42 15.89 -13.01
N LEU A 23 -0.26 15.45 -11.77
CA LEU A 23 -0.39 16.30 -10.62
C LEU A 23 1.01 16.54 -10.06
N ALA A 24 1.35 17.79 -9.80
CA ALA A 24 2.66 18.12 -9.24
C ALA A 24 2.48 19.03 -8.05
N GLY A 25 3.46 19.01 -7.14
CA GLY A 25 3.37 19.76 -5.89
C GLY A 25 4.28 19.24 -4.80
N HIS A 26 4.41 17.93 -4.67
CA HIS A 26 5.40 17.39 -3.76
C HIS A 26 6.80 17.81 -4.20
N THR A 27 7.64 18.11 -3.22
CA THR A 27 9.00 18.58 -3.49
C THR A 27 10.05 17.49 -3.18
N LYS A 28 9.59 16.30 -2.85
CA LYS A 28 10.46 15.14 -2.64
C LYS A 28 9.72 13.88 -3.08
N ALA A 29 10.41 12.75 -3.08
CA ALA A 29 9.82 11.48 -3.51
C ALA A 29 8.43 11.24 -2.93
N VAL A 30 7.51 10.78 -3.76
CA VAL A 30 6.16 10.43 -3.32
C VAL A 30 6.17 8.96 -2.91
N SER A 31 5.78 8.69 -1.65
CA SER A 31 5.92 7.37 -1.03
C SER A 31 4.68 6.49 -1.14
N ALA A 32 3.50 7.10 -1.11
CA ALA A 32 2.26 6.36 -1.33
C ALA A 32 1.18 7.22 -1.95
N VAL A 33 0.29 6.56 -2.69
CA VAL A 33 -0.94 7.17 -3.19
C VAL A 33 -2.09 6.18 -2.98
N LYS A 34 -3.25 6.72 -2.61
CA LYS A 34 -4.39 5.95 -2.10
C LYS A 34 -5.73 6.70 -2.41
N PHE A 35 -6.68 6.00 -3.02
CA PHE A 35 -8.01 6.54 -3.26
C PHE A 35 -8.91 6.45 -2.03
N SER A 36 -9.73 7.46 -1.82
CA SER A 36 -10.72 7.38 -0.74
C SER A 36 -11.73 6.28 -1.13
N PRO A 37 -12.23 5.52 -0.15
CA PRO A 37 -13.25 4.49 -0.43
C PRO A 37 -14.50 5.03 -1.13
N ASN A 38 -14.89 6.26 -0.80
CA ASN A 38 -16.01 6.93 -1.47
C ASN A 38 -15.69 7.44 -2.89
N GLY A 39 -14.45 7.24 -3.34
CA GLY A 39 -14.07 7.51 -4.73
C GLY A 39 -13.85 8.96 -5.14
N GLU A 40 -13.93 9.87 -4.17
CA GLU A 40 -13.91 11.29 -4.48
C GLU A 40 -12.49 11.86 -4.45
N TRP A 41 -11.63 11.29 -3.61
CA TRP A 41 -10.33 11.89 -3.28
C TRP A 41 -9.15 10.97 -3.52
N LEU A 42 -8.00 11.57 -3.80
CA LEU A 42 -6.73 10.83 -3.81
C LEU A 42 -5.79 11.46 -2.79
N ALA A 43 -5.29 10.67 -1.86
CA ALA A 43 -4.27 11.12 -0.92
C ALA A 43 -2.88 10.69 -1.41
N SER A 44 -1.89 11.55 -1.20
CA SER A 44 -0.50 11.24 -1.47
C SER A 44 0.35 11.57 -0.24
N SER A 45 1.35 10.74 0.04
CA SER A 45 2.30 11.01 1.11
C SER A 45 3.67 11.18 0.48
N SER A 46 4.58 11.85 1.17
CA SER A 46 5.89 12.14 0.58
C SER A 46 6.99 12.29 1.63
N ALA A 47 8.23 12.14 1.19
CA ALA A 47 9.40 12.41 2.03
C ALA A 47 9.49 13.89 2.44
N ASP A 48 8.78 14.76 1.72
CA ASP A 48 8.73 16.19 2.06
C ASP A 48 7.97 16.50 3.35
N LYS A 49 7.51 15.46 4.05
CA LYS A 49 6.82 15.57 5.34
C LYS A 49 5.33 15.88 5.19
N LEU A 50 4.82 15.86 3.96
CA LEU A 50 3.45 16.30 3.68
C LEU A 50 2.52 15.20 3.16
N ILE A 51 1.23 15.37 3.42
CA ILE A 51 0.16 14.63 2.76
C ILE A 51 -0.60 15.61 1.88
N LYS A 52 -0.95 15.19 0.67
CA LYS A 52 -1.74 16.02 -0.23
C LYS A 52 -2.98 15.31 -0.74
N ILE A 53 -4.07 16.06 -0.84
CA ILE A 53 -5.34 15.53 -1.29
C ILE A 53 -5.64 16.12 -2.64
N TRP A 54 -6.05 15.28 -3.57
CA TRP A 54 -6.35 15.65 -4.94
C TRP A 54 -7.73 15.08 -5.29
N GLY A 55 -8.48 15.77 -6.16
CA GLY A 55 -9.75 15.24 -6.66
C GLY A 55 -9.48 14.03 -7.54
N ALA A 56 -10.16 12.91 -7.26
CA ALA A 56 -9.79 11.64 -7.89
C ALA A 56 -10.08 11.58 -9.41
N TYR A 57 -11.07 12.35 -9.87
CA TYR A 57 -11.48 12.34 -11.28
C TYR A 57 -10.84 13.44 -12.13
N ASP A 58 -10.61 14.62 -11.54
CA ASP A 58 -9.99 15.74 -12.27
C ASP A 58 -8.52 15.99 -11.87
N GLY A 59 -8.07 15.39 -10.77
CA GLY A 59 -6.70 15.58 -10.29
C GLY A 59 -6.44 16.97 -9.72
N LYS A 60 -7.51 17.67 -9.36
CA LYS A 60 -7.43 19.03 -8.89
C LYS A 60 -6.95 19.04 -7.46
N PHE A 61 -5.89 19.79 -7.19
CA PHE A 61 -5.36 19.95 -5.83
C PHE A 61 -6.46 20.42 -4.89
N GLU A 62 -6.65 19.68 -3.80
CA GLU A 62 -7.61 20.03 -2.77
C GLU A 62 -6.91 20.71 -1.60
N LYS A 63 -5.97 20.02 -0.95
CA LYS A 63 -5.30 20.59 0.22
C LYS A 63 -4.03 19.87 0.69
N THR A 64 -3.30 20.54 1.57
CA THR A 64 -2.10 20.00 2.18
C THR A 64 -2.35 19.75 3.64
N ILE A 65 -1.87 18.61 4.14
CA ILE A 65 -1.98 18.29 5.55
C ILE A 65 -0.57 18.09 6.09
N SER A 66 -0.26 18.81 7.18
CA SER A 66 1.10 18.89 7.73
C SER A 66 1.11 18.60 9.23
N GLY A 67 2.27 18.17 9.71
CA GLY A 67 2.47 17.94 11.15
C GLY A 67 3.61 16.99 11.47
N HIS A 68 3.87 16.02 10.59
CA HIS A 68 4.98 15.12 10.83
C HIS A 68 6.31 15.87 10.84
N LYS A 69 7.24 15.39 11.67
CA LYS A 69 8.55 16.01 11.83
C LYS A 69 9.51 15.63 10.70
N LEU A 70 9.38 14.40 10.19
CA LEU A 70 10.23 13.88 9.13
C LEU A 70 9.35 13.23 8.07
N GLY A 71 9.97 12.68 7.03
CA GLY A 71 9.22 12.15 5.88
C GLY A 71 8.20 11.08 6.21
N ILE A 72 7.19 10.95 5.35
CA ILE A 72 6.14 9.94 5.51
C ILE A 72 6.33 8.84 4.49
N SER A 73 6.19 7.58 4.92
CA SER A 73 6.37 6.43 4.03
C SER A 73 5.05 5.80 3.56
N ASP A 74 3.96 6.01 4.28
CA ASP A 74 2.66 5.42 3.91
C ASP A 74 1.53 6.29 4.43
N VAL A 75 0.37 6.17 3.79
CA VAL A 75 -0.82 6.92 4.24
C VAL A 75 -2.05 6.09 3.89
N ALA A 76 -3.09 6.14 4.73
CA ALA A 76 -4.28 5.33 4.48
C ALA A 76 -5.59 5.95 4.98
N TRP A 77 -6.69 5.56 4.33
CA TRP A 77 -8.03 6.12 4.56
C TRP A 77 -8.85 5.30 5.52
N SER A 78 -9.62 5.97 6.37
CA SER A 78 -10.68 5.29 7.12
C SER A 78 -11.73 4.79 6.14
N SER A 79 -12.58 3.90 6.64
CA SER A 79 -13.61 3.28 5.82
C SER A 79 -14.65 4.27 5.30
N ASP A 80 -14.94 5.31 6.08
CA ASP A 80 -15.95 6.33 5.72
C ASP A 80 -15.36 7.54 4.99
N SER A 81 -14.11 7.42 4.54
CA SER A 81 -13.39 8.49 3.84
C SER A 81 -13.27 9.82 4.64
N ARG A 82 -13.50 9.79 5.95
CA ARG A 82 -13.41 11.02 6.75
C ARG A 82 -12.05 11.24 7.42
N LEU A 83 -11.32 10.16 7.67
CA LEU A 83 -10.06 10.22 8.39
C LEU A 83 -8.94 9.59 7.59
N LEU A 84 -7.71 9.93 7.95
CA LEU A 84 -6.52 9.34 7.32
C LEU A 84 -5.49 9.01 8.37
N VAL A 85 -4.73 7.96 8.13
CA VAL A 85 -3.62 7.64 9.02
C VAL A 85 -2.32 7.64 8.23
N SER A 86 -1.25 8.13 8.84
CA SER A 86 0.05 8.18 8.19
C SER A 86 1.13 7.71 9.16
N GLY A 87 2.21 7.17 8.60
CA GLY A 87 3.35 6.68 9.39
C GLY A 87 4.64 7.31 8.90
N SER A 88 5.44 7.81 9.83
CA SER A 88 6.59 8.65 9.48
C SER A 88 7.90 8.15 10.06
N ASP A 89 8.99 8.67 9.51
CA ASP A 89 10.30 8.45 10.07
C ASP A 89 10.47 9.07 11.44
N ASP A 90 9.58 9.98 11.83
CA ASP A 90 9.59 10.52 13.19
C ASP A 90 9.06 9.55 14.22
N LYS A 91 9.00 8.27 13.87
CA LYS A 91 8.66 7.17 14.77
C LYS A 91 7.21 7.12 15.22
N THR A 92 6.37 8.00 14.68
CA THR A 92 4.97 8.07 15.09
C THR A 92 4.03 7.85 13.93
N LEU A 93 2.77 7.59 14.28
CA LEU A 93 1.67 7.72 13.35
C LEU A 93 0.79 8.89 13.77
N LYS A 94 0.07 9.45 12.82
CA LYS A 94 -0.89 10.53 13.11
C LYS A 94 -2.23 10.23 12.44
N VAL A 95 -3.32 10.50 13.16
CA VAL A 95 -4.66 10.37 12.60
C VAL A 95 -5.13 11.76 12.20
N TRP A 96 -5.58 11.90 10.96
CA TRP A 96 -5.96 13.20 10.46
C TRP A 96 -7.46 13.26 10.20
N GLU A 97 -8.07 14.41 10.48
CA GLU A 97 -9.44 14.67 10.05
C GLU A 97 -9.37 15.39 8.71
N LEU A 98 -9.87 14.75 7.66
CA LEU A 98 -9.81 15.31 6.31
C LEU A 98 -10.36 16.73 6.22
N SER A 99 -11.60 16.90 6.65
CA SER A 99 -12.33 18.15 6.46
C SER A 99 -11.62 19.35 7.11
N THR A 100 -10.98 19.13 8.26
CA THR A 100 -10.34 20.22 9.00
C THR A 100 -8.81 20.31 8.93
N GLY A 101 -8.16 19.23 8.47
CA GLY A 101 -6.71 19.13 8.53
C GLY A 101 -6.13 18.91 9.92
N LYS A 102 -6.98 18.66 10.92
CA LYS A 102 -6.51 18.48 12.28
C LYS A 102 -5.75 17.16 12.47
N SER A 103 -4.79 17.19 13.39
CA SER A 103 -4.12 16.00 13.86
C SER A 103 -4.82 15.57 15.13
N LEU A 104 -5.73 14.61 15.01
CA LEU A 104 -6.59 14.22 16.12
C LEU A 104 -5.81 13.47 17.19
N LYS A 105 -5.00 12.51 16.75
CA LYS A 105 -4.12 11.80 17.66
C LYS A 105 -2.75 11.60 17.04
N THR A 106 -1.77 11.40 17.92
CA THR A 106 -0.43 11.04 17.51
C THR A 106 -0.07 9.74 18.22
N LEU A 107 0.06 8.67 17.46
CA LEU A 107 0.26 7.33 18.01
C LEU A 107 1.75 7.07 18.28
N LYS A 108 2.12 7.04 19.55
CA LYS A 108 3.52 6.88 19.95
C LYS A 108 3.77 5.54 20.60
N GLY A 109 4.95 4.96 20.30
CA GLY A 109 5.34 3.68 20.90
C GLY A 109 6.34 2.89 20.07
N HIS A 110 6.31 3.06 18.75
CA HIS A 110 7.34 2.44 17.91
C HIS A 110 8.71 3.03 18.24
N SER A 111 9.75 2.21 18.16
CA SER A 111 11.10 2.65 18.55
C SER A 111 11.97 2.96 17.33
N ASN A 112 11.39 2.91 16.14
CA ASN A 112 12.10 3.24 14.90
C ASN A 112 11.08 3.64 13.83
N TYR A 113 11.54 3.88 12.61
CA TYR A 113 10.68 4.46 11.57
C TYR A 113 9.42 3.62 11.42
N VAL A 114 8.26 4.28 11.32
CA VAL A 114 7.02 3.61 10.98
C VAL A 114 7.01 3.58 9.46
N PHE A 115 6.75 2.40 8.88
CA PHE A 115 6.86 2.18 7.45
C PHE A 115 5.51 2.03 6.75
N CYS A 116 4.56 1.36 7.41
CA CYS A 116 3.29 1.00 6.80
C CYS A 116 2.14 1.09 7.80
N CYS A 117 0.93 1.35 7.31
CA CYS A 117 -0.24 1.50 8.17
C CYS A 117 -1.58 1.28 7.46
N ASN A 118 -2.60 0.93 8.24
CA ASN A 118 -3.95 0.69 7.70
C ASN A 118 -5.02 0.72 8.79
N PHE A 119 -6.22 1.14 8.39
CA PHE A 119 -7.40 1.01 9.24
C PHE A 119 -7.96 -0.39 9.02
N ASN A 120 -8.63 -0.92 10.03
CA ASN A 120 -9.49 -2.08 9.80
C ASN A 120 -10.78 -1.60 9.11
N PRO A 121 -11.60 -2.52 8.60
CA PRO A 121 -12.81 -2.09 7.87
C PRO A 121 -13.77 -1.29 8.73
N GLN A 122 -13.92 -1.71 9.97
CA GLN A 122 -14.76 -1.01 10.93
C GLN A 122 -14.13 0.34 11.31
N SER A 123 -12.82 0.45 11.12
CA SER A 123 -12.04 1.68 11.32
C SER A 123 -11.95 2.13 12.77
N ASN A 124 -12.22 1.21 13.67
CA ASN A 124 -11.99 1.45 15.08
C ASN A 124 -10.56 1.08 15.48
N LEU A 125 -9.85 0.37 14.59
CA LEU A 125 -8.43 0.02 14.82
C LEU A 125 -7.52 0.44 13.67
N ILE A 126 -6.25 0.65 14.00
CA ILE A 126 -5.22 0.88 13.02
C ILE A 126 -4.12 -0.16 13.24
N VAL A 127 -3.57 -0.69 12.16
CA VAL A 127 -2.41 -1.58 12.25
C VAL A 127 -1.22 -0.84 11.66
N SER A 128 -0.05 -1.02 12.26
CA SER A 128 1.17 -0.38 11.78
C SER A 128 2.33 -1.37 11.74
N GLY A 129 3.32 -1.07 10.91
CA GLY A 129 4.57 -1.83 10.89
C GLY A 129 5.77 -0.89 10.85
N SER A 130 6.89 -1.33 11.39
CA SER A 130 8.02 -0.45 11.64
C SER A 130 9.40 -1.08 11.40
N PHE A 131 10.39 -0.21 11.22
CA PHE A 131 11.78 -0.64 11.17
C PHE A 131 12.22 -1.34 12.45
N ASP A 132 11.51 -1.13 13.54
CA ASP A 132 11.84 -1.78 14.80
C ASP A 132 11.44 -3.25 14.84
N GLU A 133 10.84 -3.76 13.76
CA GLU A 133 10.55 -5.18 13.59
C GLU A 133 9.20 -5.65 14.19
N SER A 134 8.43 -4.72 14.76
CA SER A 134 7.15 -5.06 15.38
C SER A 134 5.97 -4.65 14.51
N VAL A 135 4.82 -5.26 14.81
CA VAL A 135 3.53 -4.80 14.29
C VAL A 135 2.67 -4.38 15.48
N ARG A 136 2.06 -3.21 15.38
CA ARG A 136 1.23 -2.70 16.47
C ARG A 136 -0.21 -2.46 16.02
N ILE A 137 -1.13 -2.70 16.95
CA ILE A 137 -2.56 -2.45 16.76
C ILE A 137 -2.97 -1.33 17.72
N TRP A 138 -3.58 -0.28 17.18
CA TRP A 138 -3.91 0.89 17.97
C TRP A 138 -5.42 1.13 18.02
N ASP A 139 -5.89 1.67 19.14
CA ASP A 139 -7.26 2.13 19.29
C ASP A 139 -7.41 3.53 18.68
N VAL A 140 -8.29 3.65 17.69
CA VAL A 140 -8.49 4.91 16.99
C VAL A 140 -9.09 5.98 17.92
N ARG A 141 -10.05 5.58 18.75
CA ARG A 141 -10.75 6.51 19.65
C ARG A 141 -9.83 7.11 20.71
N THR A 142 -9.06 6.27 21.39
CA THR A 142 -8.20 6.70 22.49
C THR A 142 -6.73 6.94 22.11
N GLY A 143 -6.32 6.48 20.92
CA GLY A 143 -4.94 6.63 20.46
C GLY A 143 -3.93 5.75 21.19
N LYS A 144 -4.43 4.79 21.96
CA LYS A 144 -3.57 3.94 22.76
C LYS A 144 -3.24 2.66 22.00
N CYS A 145 -2.03 2.15 22.23
CA CYS A 145 -1.61 0.91 21.62
C CYS A 145 -2.17 -0.27 22.41
N LEU A 146 -3.00 -1.06 21.75
CA LEU A 146 -3.63 -2.21 22.40
C LEU A 146 -2.68 -3.39 22.46
N LYS A 147 -1.95 -3.63 21.37
CA LYS A 147 -1.12 -4.82 21.25
C LYS A 147 0.18 -4.53 20.50
N THR A 148 1.29 -5.11 20.98
CA THR A 148 2.55 -5.15 20.24
C THR A 148 2.85 -6.60 19.86
N LEU A 149 2.92 -6.88 18.57
CA LEU A 149 3.24 -8.22 18.08
C LEU A 149 4.72 -8.28 17.69
N PRO A 150 5.46 -9.27 18.21
CA PRO A 150 6.87 -9.38 17.84
C PRO A 150 6.96 -10.10 16.50
N ALA A 151 6.50 -9.43 15.45
CA ALA A 151 6.15 -10.09 14.20
C ALA A 151 7.29 -10.60 13.33
N HIS A 152 8.47 -9.97 13.39
CA HIS A 152 9.56 -10.29 12.45
C HIS A 152 10.95 -10.10 13.03
N SER A 153 11.98 -10.43 12.24
CA SER A 153 13.37 -10.28 12.66
C SER A 153 14.09 -9.31 11.73
N ASP A 154 13.30 -8.50 11.04
CA ASP A 154 13.77 -7.44 10.16
C ASP A 154 12.63 -6.44 9.96
N PRO A 155 12.92 -5.26 9.38
CA PRO A 155 11.89 -4.25 9.21
C PRO A 155 10.61 -4.77 8.56
N VAL A 156 9.47 -4.23 9.00
CA VAL A 156 8.14 -4.63 8.52
C VAL A 156 7.69 -3.76 7.33
N SER A 157 7.59 -4.39 6.17
CA SER A 157 7.39 -3.73 4.89
C SER A 157 5.94 -3.36 4.61
N ALA A 158 4.98 -4.16 5.09
CA ALA A 158 3.56 -3.90 4.87
C ALA A 158 2.67 -4.58 5.92
N VAL A 159 1.48 -4.02 6.12
CA VAL A 159 0.44 -4.58 6.99
C VAL A 159 -0.94 -4.28 6.39
N HIS A 160 -1.90 -5.19 6.58
CA HIS A 160 -3.22 -5.08 5.97
C HIS A 160 -4.24 -6.01 6.65
N PHE A 161 -5.42 -5.46 6.95
CA PHE A 161 -6.55 -6.25 7.46
C PHE A 161 -7.28 -6.94 6.31
N ASN A 162 -7.81 -8.14 6.56
CA ASN A 162 -8.70 -8.81 5.60
C ASN A 162 -10.09 -8.16 5.59
N ARG A 163 -11.04 -8.74 4.85
CA ARG A 163 -12.35 -8.14 4.63
C ARG A 163 -13.10 -7.75 5.91
N ASP A 164 -13.13 -8.65 6.90
CA ASP A 164 -13.94 -8.43 8.12
C ASP A 164 -13.12 -8.07 9.35
N GLY A 165 -11.82 -7.83 9.15
CA GLY A 165 -10.95 -7.38 10.24
C GLY A 165 -10.44 -8.48 11.17
N SER A 166 -10.87 -9.72 10.96
CA SER A 166 -10.46 -10.83 11.84
C SER A 166 -8.96 -11.14 11.71
N LEU A 167 -8.38 -10.85 10.55
CA LEU A 167 -7.01 -11.24 10.24
C LEU A 167 -6.16 -10.07 9.79
N ILE A 168 -4.87 -10.15 10.11
CA ILE A 168 -3.87 -9.18 9.64
C ILE A 168 -2.76 -9.96 8.94
N VAL A 169 -2.37 -9.51 7.74
CA VAL A 169 -1.15 -9.97 7.09
C VAL A 169 -0.07 -8.92 7.24
N SER A 170 1.12 -9.38 7.59
CA SER A 170 2.34 -8.56 7.61
C SER A 170 3.36 -9.18 6.65
N SER A 171 4.34 -8.38 6.26
CA SER A 171 5.46 -8.84 5.43
C SER A 171 6.71 -8.14 5.92
N SER A 172 7.88 -8.69 5.63
CA SER A 172 9.15 -8.11 6.16
C SER A 172 10.35 -8.44 5.29
N TYR A 173 11.43 -7.70 5.49
CA TYR A 173 12.69 -7.99 4.80
C TYR A 173 13.32 -9.32 5.25
N ASP A 174 12.83 -9.92 6.34
CA ASP A 174 13.31 -11.24 6.77
C ASP A 174 12.84 -12.39 5.86
N GLY A 175 12.02 -12.08 4.87
CA GLY A 175 11.62 -13.07 3.87
C GLY A 175 10.32 -13.77 4.21
N LEU A 176 9.77 -13.45 5.37
CA LEU A 176 8.53 -14.07 5.82
C LEU A 176 7.31 -13.21 5.51
N CYS A 177 6.19 -13.87 5.36
CA CYS A 177 4.88 -13.26 5.30
C CYS A 177 4.07 -14.00 6.38
N ARG A 178 3.38 -13.26 7.25
CA ARG A 178 2.71 -13.86 8.40
C ARG A 178 1.26 -13.40 8.57
N ILE A 179 0.43 -14.27 9.10
CA ILE A 179 -1.00 -14.00 9.29
C ILE A 179 -1.28 -14.05 10.77
N TRP A 180 -2.00 -13.04 11.27
CA TRP A 180 -2.23 -12.86 12.70
C TRP A 180 -3.72 -12.76 13.03
N ASP A 181 -4.13 -13.41 14.13
CA ASP A 181 -5.47 -13.24 14.65
C ASP A 181 -5.55 -11.90 15.37
N THR A 182 -6.43 -11.03 14.88
CA THR A 182 -6.57 -9.66 15.39
C THR A 182 -6.97 -9.62 16.86
N ALA A 183 -7.88 -10.50 17.25
CA ALA A 183 -8.40 -10.53 18.62
C ALA A 183 -7.33 -10.94 19.63
N SER A 184 -6.66 -12.05 19.34
CA SER A 184 -5.71 -12.67 20.27
C SER A 184 -4.27 -12.23 20.07
N GLY A 185 -3.95 -11.73 18.88
CA GLY A 185 -2.58 -11.36 18.52
C GLY A 185 -1.70 -12.57 18.21
N GLN A 186 -2.30 -13.73 17.99
CA GLN A 186 -1.55 -14.95 17.73
C GLN A 186 -1.19 -15.09 16.27
N CYS A 187 0.03 -15.56 16.02
CA CYS A 187 0.47 -15.92 14.67
C CYS A 187 -0.20 -17.20 14.22
N LEU A 188 -1.16 -17.08 13.30
CA LEU A 188 -1.88 -18.24 12.77
C LEU A 188 -1.13 -18.93 11.64
N LYS A 189 -0.24 -18.22 10.94
CA LYS A 189 0.46 -18.81 9.79
C LYS A 189 1.66 -18.00 9.31
N THR A 190 2.63 -18.71 8.72
CA THR A 190 3.86 -18.14 8.21
C THR A 190 4.12 -18.72 6.83
N LEU A 191 4.19 -17.85 5.82
CA LEU A 191 4.44 -18.29 4.44
C LEU A 191 5.93 -18.36 4.15
N ILE A 192 6.31 -19.31 3.32
CA ILE A 192 7.72 -19.64 3.13
C ILE A 192 8.05 -19.91 1.66
N ASP A 194 10.61 -20.60 -1.44
CA ASP A 194 11.77 -21.49 -1.46
C ASP A 194 13.02 -20.80 -0.90
N ASP A 195 13.53 -19.77 -1.59
CA ASP A 195 14.56 -18.91 -0.97
C ASP A 195 13.80 -18.00 -0.01
N ASN A 196 14.50 -17.12 0.68
CA ASN A 196 13.84 -16.17 1.60
C ASN A 196 14.10 -14.74 1.18
N PRO A 197 13.79 -14.40 -0.09
CA PRO A 197 14.07 -13.05 -0.52
C PRO A 197 13.19 -12.06 0.22
N PRO A 198 13.71 -10.86 0.49
CA PRO A 198 12.92 -9.88 1.21
C PRO A 198 11.50 -9.73 0.65
N VAL A 199 10.50 -9.65 1.52
CA VAL A 199 9.13 -9.46 1.08
C VAL A 199 8.83 -7.97 1.25
N SER A 200 8.63 -7.31 0.12
CA SER A 200 8.57 -5.86 0.09
C SER A 200 7.14 -5.33 0.20
N PHE A 201 6.16 -6.18 -0.07
CA PHE A 201 4.75 -5.78 0.01
C PHE A 201 3.85 -6.99 0.09
N VAL A 202 2.74 -6.83 0.80
CA VAL A 202 1.72 -7.86 0.89
C VAL A 202 0.35 -7.21 1.11
N LYS A 203 -0.72 -7.89 0.67
CA LYS A 203 -2.08 -7.36 0.78
C LYS A 203 -3.09 -8.50 0.51
N PHE A 204 -4.09 -8.65 1.38
CA PHE A 204 -5.23 -9.56 1.11
C PHE A 204 -5.94 -9.20 -0.18
N SER A 205 -6.61 -10.18 -0.76
CA SER A 205 -7.49 -9.91 -1.88
C SER A 205 -8.78 -9.30 -1.34
N PRO A 206 -9.59 -8.68 -2.22
CA PRO A 206 -10.85 -8.12 -1.72
C PRO A 206 -11.74 -9.09 -0.92
N ASN A 207 -11.82 -10.35 -1.33
CA ASN A 207 -12.65 -11.36 -0.66
C ASN A 207 -11.99 -12.05 0.53
N GLY A 208 -10.73 -11.71 0.79
CA GLY A 208 -10.04 -12.17 1.99
C GLY A 208 -9.50 -13.60 1.90
N LYS A 209 -9.61 -14.22 0.73
CA LYS A 209 -9.17 -15.61 0.54
C LYS A 209 -7.72 -15.72 0.09
N TYR A 210 -7.25 -14.72 -0.65
CA TYR A 210 -5.90 -14.76 -1.23
C TYR A 210 -5.02 -13.63 -0.74
N ILE A 211 -3.72 -13.78 -0.95
CA ILE A 211 -2.72 -12.82 -0.52
C ILE A 211 -1.78 -12.52 -1.67
N LEU A 212 -1.76 -11.26 -2.11
CA LEU A 212 -0.81 -10.82 -3.11
C LEU A 212 0.45 -10.34 -2.42
N ALA A 213 1.59 -10.92 -2.79
CA ALA A 213 2.87 -10.66 -2.13
C ALA A 213 3.95 -10.37 -3.17
N ALA A 214 4.84 -9.43 -2.83
CA ALA A 214 5.93 -9.00 -3.69
C ALA A 214 7.26 -9.29 -3.00
N THR A 215 8.26 -9.73 -3.77
CA THR A 215 9.57 -10.08 -3.22
C THR A 215 10.65 -9.37 -4.02
N LEU A 216 11.77 -9.03 -3.38
CA LEU A 216 12.84 -8.28 -4.04
C LEU A 216 13.72 -9.13 -4.95
N ASP A 217 13.07 -10.04 -5.69
CA ASP A 217 13.69 -10.80 -6.77
C ASP A 217 12.80 -10.64 -8.02
N ASN A 218 12.27 -9.43 -8.23
CA ASN A 218 11.51 -9.08 -9.44
C ASN A 218 10.26 -9.93 -9.63
N THR A 219 9.60 -10.25 -8.52
CA THR A 219 8.53 -11.24 -8.53
C THR A 219 7.36 -10.83 -7.65
N LEU A 220 6.16 -11.06 -8.16
CA LEU A 220 4.92 -11.01 -7.41
C LEU A 220 4.32 -12.41 -7.44
N LYS A 221 3.68 -12.80 -6.34
CA LYS A 221 3.04 -14.11 -6.20
C LYS A 221 1.64 -13.96 -5.59
N LEU A 222 0.68 -14.73 -6.07
CA LEU A 222 -0.65 -14.76 -5.47
C LEU A 222 -0.82 -16.05 -4.68
N TRP A 223 -0.98 -15.94 -3.36
CA TRP A 223 -1.03 -17.10 -2.47
C TRP A 223 -2.45 -17.42 -2.02
N ASP A 224 -2.78 -18.70 -1.95
CA ASP A 224 -3.92 -19.14 -1.15
C ASP A 224 -3.37 -19.34 0.26
N TYR A 225 -3.70 -18.42 1.17
CA TYR A 225 -3.08 -18.39 2.49
C TYR A 225 -3.55 -19.52 3.41
N SER A 226 -4.78 -20.01 3.22
CA SER A 226 -5.29 -21.11 4.04
C SER A 226 -4.55 -22.42 3.71
N LYS A 227 -4.40 -22.72 2.43
CA LYS A 227 -3.66 -23.91 2.00
C LYS A 227 -2.14 -23.68 2.00
N GLY A 228 -1.71 -22.42 2.01
CA GLY A 228 -0.29 -22.09 2.06
C GLY A 228 0.43 -22.48 0.79
N LYS A 229 -0.20 -22.17 -0.35
CA LYS A 229 0.32 -22.57 -1.66
C LYS A 229 0.25 -21.41 -2.65
N CYS A 230 1.32 -21.25 -3.42
CA CYS A 230 1.42 -20.21 -4.44
C CYS A 230 0.62 -20.58 -5.70
N LEU A 231 -0.39 -19.78 -6.02
CA LEU A 231 -1.27 -20.09 -7.15
C LEU A 231 -0.87 -19.40 -8.46
N LYS A 232 -0.27 -18.23 -8.38
CA LYS A 232 0.17 -17.49 -9.59
C LYS A 232 1.46 -16.76 -9.31
N THR A 233 2.33 -16.65 -10.31
CA THR A 233 3.49 -15.78 -10.21
C THR A 233 3.59 -14.88 -11.44
N TYR A 234 3.86 -13.59 -11.19
CA TYR A 234 3.90 -12.55 -12.23
C TYR A 234 5.30 -11.89 -12.30
N THR A 235 5.88 -11.80 -13.50
CA THR A 235 7.21 -11.21 -13.68
C THR A 235 7.27 -10.32 -14.92
N GLY A 236 8.40 -9.64 -15.09
CA GLY A 236 8.62 -8.72 -16.21
C GLY A 236 9.11 -7.38 -15.71
N HIS A 237 8.49 -6.89 -14.65
CA HIS A 237 8.92 -5.67 -13.96
C HIS A 237 10.27 -5.81 -13.28
N LYS A 238 10.82 -4.70 -12.79
CA LYS A 238 12.03 -4.71 -11.94
C LYS A 238 11.69 -4.29 -10.52
N ASN A 239 12.11 -5.09 -9.56
CA ASN A 239 11.87 -4.81 -8.15
C ASN A 239 12.87 -5.52 -7.25
N GLU A 240 13.99 -4.86 -6.97
CA GLU A 240 15.05 -5.40 -6.12
C GLU A 240 15.49 -4.45 -5.02
N LYS A 241 14.87 -3.28 -4.93
CA LYS A 241 15.37 -2.22 -4.06
C LYS A 241 14.33 -1.57 -3.19
N TYR A 242 13.14 -1.32 -3.73
CA TYR A 242 12.17 -0.51 -3.01
C TYR A 242 10.92 -1.31 -2.69
N CYS A 243 10.17 -0.83 -1.70
CA CYS A 243 8.94 -1.47 -1.28
C CYS A 243 7.78 -0.87 -2.07
N ILE A 244 7.51 -1.50 -3.21
CA ILE A 244 6.56 -1.04 -4.18
C ILE A 244 5.16 -1.62 -3.92
N PHE A 245 4.15 -0.75 -3.97
CA PHE A 245 2.76 -1.16 -3.82
C PHE A 245 2.29 -2.00 -5.01
N ALA A 246 1.54 -3.06 -4.71
CA ALA A 246 0.83 -3.81 -5.73
C ALA A 246 -0.68 -3.78 -5.42
N ASN A 247 -1.49 -4.00 -6.45
CA ASN A 247 -2.95 -3.90 -6.31
C ASN A 247 -3.69 -4.98 -7.08
N PHE A 248 -4.90 -5.27 -6.63
CA PHE A 248 -5.92 -5.90 -7.44
C PHE A 248 -6.69 -4.78 -8.12
N SER A 249 -6.89 -4.90 -9.43
CA SER A 249 -7.82 -4.05 -10.17
C SER A 249 -9.00 -4.94 -10.57
N VAL A 250 -10.19 -4.61 -10.08
CA VAL A 250 -11.38 -5.48 -10.23
C VAL A 250 -12.66 -4.76 -10.66
N THR A 251 -12.55 -3.50 -11.07
CA THR A 251 -13.71 -2.71 -11.46
C THR A 251 -14.12 -3.01 -12.88
N GLY A 252 -13.14 -3.32 -13.72
CA GLY A 252 -13.37 -3.75 -15.10
C GLY A 252 -12.89 -5.18 -15.23
N GLY A 253 -11.86 -5.37 -16.06
CA GLY A 253 -11.18 -6.67 -16.14
C GLY A 253 -10.39 -6.94 -14.88
N LYS A 254 -10.05 -8.21 -14.66
CA LYS A 254 -9.34 -8.61 -13.47
C LYS A 254 -7.83 -8.51 -13.69
N TRP A 255 -7.22 -7.44 -13.18
CA TRP A 255 -5.78 -7.23 -13.34
C TRP A 255 -5.03 -7.26 -12.02
N ILE A 256 -3.71 -7.38 -12.14
CA ILE A 256 -2.77 -7.07 -11.07
C ILE A 256 -2.05 -5.81 -11.55
N VAL A 257 -1.84 -4.85 -10.65
CA VAL A 257 -1.21 -3.59 -10.98
C VAL A 257 -0.07 -3.34 -10.02
N SER A 258 1.11 -3.02 -10.53
CA SER A 258 2.25 -2.69 -9.70
C SER A 258 3.16 -1.65 -10.32
N GLY A 259 3.89 -0.94 -9.48
CA GLY A 259 4.94 -0.05 -9.93
C GLY A 259 6.18 -0.84 -10.27
N SER A 260 7.27 -0.15 -10.61
CA SER A 260 8.47 -0.83 -11.08
C SER A 260 9.66 0.10 -11.13
N GLU A 261 10.85 -0.48 -11.03
CA GLU A 261 12.07 0.31 -11.00
C GLU A 261 12.60 0.65 -12.39
N ASP A 262 11.89 0.20 -13.43
CA ASP A 262 12.11 0.71 -14.80
C ASP A 262 11.07 1.81 -15.17
N ASN A 263 10.71 2.62 -14.17
CA ASN A 263 9.87 3.81 -14.38
C ASN A 263 8.49 3.57 -15.03
N MET A 264 7.98 2.34 -14.96
CA MET A 264 6.77 2.00 -15.67
C MET A 264 5.75 1.31 -14.78
N VAL A 265 4.47 1.57 -15.02
CA VAL A 265 3.40 0.85 -14.34
C VAL A 265 3.10 -0.42 -15.12
N TYR A 266 3.19 -1.57 -14.45
CA TYR A 266 2.89 -2.84 -15.09
C TYR A 266 1.47 -3.30 -14.77
N ILE A 267 0.79 -3.88 -15.76
CA ILE A 267 -0.52 -4.47 -15.58
C ILE A 267 -0.54 -5.90 -16.13
N TRP A 268 -0.79 -6.88 -15.25
CA TRP A 268 -0.88 -8.28 -15.63
C TRP A 268 -2.34 -8.75 -15.69
N ASN A 269 -2.61 -9.72 -16.55
CA ASN A 269 -3.87 -10.46 -16.48
C ASN A 269 -3.81 -11.39 -15.27
N LEU A 270 -4.83 -11.33 -14.41
CA LEU A 270 -4.80 -12.09 -13.16
C LEU A 270 -4.73 -13.60 -13.38
N GLN A 271 -5.37 -14.08 -14.45
CA GLN A 271 -5.46 -15.51 -14.72
C GLN A 271 -4.24 -16.01 -15.49
N SER A 272 -3.98 -15.39 -16.63
CA SER A 272 -2.93 -15.86 -17.53
C SER A 272 -1.53 -15.42 -17.12
N LYS A 273 -1.43 -14.34 -16.34
CA LYS A 273 -0.14 -13.79 -15.89
C LYS A 273 0.64 -13.12 -17.00
N GLU A 274 0.01 -12.89 -18.15
CA GLU A 274 0.62 -12.15 -19.24
C GLU A 274 0.64 -10.68 -18.84
N VAL A 275 1.77 -10.01 -19.08
CA VAL A 275 1.77 -8.56 -19.05
C VAL A 275 0.80 -8.14 -20.14
N VAL A 276 -0.22 -7.37 -19.79
CA VAL A 276 -1.19 -6.88 -20.76
C VAL A 276 -1.03 -5.38 -21.05
N GLN A 277 -0.29 -4.64 -20.22
CA GLN A 277 -0.01 -3.23 -20.49
C GLN A 277 1.12 -2.66 -19.64
N LYS A 278 1.89 -1.77 -20.23
CA LYS A 278 2.95 -1.06 -19.51
C LYS A 278 2.76 0.43 -19.70
N LEU A 279 2.42 1.13 -18.62
CA LEU A 279 2.11 2.57 -18.70
C LEU A 279 3.38 3.38 -18.58
N GLN A 280 3.66 4.18 -19.60
CA GLN A 280 4.94 4.87 -19.76
C GLN A 280 4.74 6.36 -19.52
N GLY A 281 5.76 7.03 -19.00
CA GLY A 281 5.71 8.49 -18.82
C GLY A 281 6.41 9.00 -17.57
N HIS A 282 6.56 8.17 -16.54
CA HIS A 282 7.34 8.56 -15.37
C HIS A 282 8.84 8.56 -15.70
N THR A 283 9.60 9.37 -14.99
CA THR A 283 11.04 9.49 -15.25
C THR A 283 11.90 9.03 -14.08
N ASP A 284 11.27 8.37 -13.10
CA ASP A 284 12.01 7.66 -12.04
C ASP A 284 11.20 6.45 -11.58
N THR A 285 11.73 5.73 -10.60
CA THR A 285 11.12 4.50 -10.11
C THR A 285 9.68 4.75 -9.71
N VAL A 286 8.74 3.95 -10.21
CA VAL A 286 7.34 4.09 -9.84
C VAL A 286 7.10 3.28 -8.58
N LEU A 287 7.07 3.98 -7.45
CA LEU A 287 7.02 3.33 -6.15
C LEU A 287 5.62 2.95 -5.73
N CYS A 288 4.65 3.78 -6.08
CA CYS A 288 3.29 3.57 -5.61
C CYS A 288 2.27 3.58 -6.72
N THR A 289 1.23 2.76 -6.55
CA THR A 289 0.10 2.70 -7.44
C THR A 289 -1.12 2.37 -6.62
N ALA A 290 -2.29 2.66 -7.14
CA ALA A 290 -3.54 2.39 -6.46
C ALA A 290 -4.67 2.41 -7.46
N CYS A 291 -5.70 1.63 -7.17
CA CYS A 291 -6.80 1.44 -8.08
C CYS A 291 -8.06 2.05 -7.48
N HIS A 292 -8.74 2.86 -8.28
CA HIS A 292 -9.98 3.52 -7.88
C HIS A 292 -11.02 2.44 -7.54
N PRO A 293 -11.92 2.72 -6.58
CA PRO A 293 -12.81 1.63 -6.13
C PRO A 293 -14.00 1.27 -7.03
N THR A 294 -14.50 2.20 -7.84
CA THR A 294 -15.63 1.91 -8.76
C THR A 294 -15.31 2.09 -10.25
N GLU A 295 -14.72 3.21 -10.61
CA GLU A 295 -14.26 3.48 -11.99
C GLU A 295 -12.91 2.86 -12.33
N ASN A 296 -12.69 2.58 -13.61
CA ASN A 296 -11.43 2.02 -14.12
C ASN A 296 -10.31 3.07 -14.16
N ILE A 297 -9.89 3.54 -12.99
CA ILE A 297 -8.92 4.63 -12.88
C ILE A 297 -7.73 4.17 -12.05
N ILE A 298 -6.52 4.32 -12.60
CA ILE A 298 -5.29 4.04 -11.86
C ILE A 298 -4.54 5.30 -11.46
N ALA A 299 -4.07 5.35 -10.22
CA ALA A 299 -3.11 6.39 -9.77
C ALA A 299 -1.70 5.83 -9.61
N SER A 300 -0.71 6.62 -10.00
CA SER A 300 0.69 6.25 -9.89
C SER A 300 1.53 7.44 -9.43
N ALA A 301 2.68 7.17 -8.83
CA ALA A 301 3.60 8.23 -8.40
C ALA A 301 5.01 7.70 -8.18
N ALA A 302 6.00 8.59 -8.23
CA ALA A 302 7.40 8.19 -8.44
C ALA A 302 8.37 8.90 -7.54
N LEU A 303 9.64 8.50 -7.61
CA LEU A 303 10.67 8.96 -6.67
C LEU A 303 11.27 10.33 -7.01
N GLU A 304 12.29 10.70 -6.24
CA GLU A 304 12.88 12.03 -6.22
C GLU A 304 13.10 12.71 -7.59
N ASN A 305 13.56 11.97 -8.59
CA ASN A 305 13.88 12.58 -9.88
C ASN A 305 12.66 12.97 -10.73
N ASP A 306 11.49 12.46 -10.35
CA ASP A 306 10.24 12.73 -11.05
C ASP A 306 9.31 13.56 -10.15
N LYS A 307 8.93 13.00 -9.00
CA LYS A 307 8.07 13.65 -7.98
C LYS A 307 6.60 13.96 -8.39
N THR A 308 6.17 13.55 -9.58
CA THR A 308 4.78 13.77 -10.02
C THR A 308 3.92 12.56 -9.78
N ILE A 309 2.62 12.81 -9.73
CA ILE A 309 1.59 11.82 -9.59
C ILE A 309 0.84 11.82 -10.92
N LYS A 310 0.45 10.65 -11.41
CA LYS A 310 -0.27 10.58 -12.67
C LYS A 310 -1.55 9.79 -12.53
N LEU A 311 -2.57 10.22 -13.27
CA LEU A 311 -3.85 9.55 -13.30
C LEU A 311 -4.12 9.00 -14.70
N TRP A 312 -4.51 7.73 -14.73
CA TRP A 312 -4.74 7.00 -15.99
C TRP A 312 -6.15 6.44 -15.98
N LYS A 313 -6.79 6.41 -17.15
CA LYS A 313 -8.15 5.87 -17.26
C LYS A 313 -8.27 4.97 -18.48
N SER A 314 -9.17 3.99 -18.37
CA SER A 314 -9.37 2.95 -19.37
C SER A 314 -10.84 2.61 -19.42
N ASP A 315 -11.27 2.15 -20.59
CA ASP A 315 -12.64 1.69 -20.78
C ASP A 315 -12.81 0.26 -20.24
N THR A 316 -11.69 -0.42 -19.97
CA THR A 316 -11.69 -1.72 -19.33
C THR A 316 -10.59 -1.83 -18.27
N ASP B 5 -9.36 -23.68 -13.78
CA ASP B 5 -8.20 -23.17 -12.97
C ASP B 5 -8.30 -21.66 -12.67
N GLU B 6 -9.50 -21.07 -12.78
CA GLU B 6 -9.67 -19.62 -12.70
C GLU B 6 -10.10 -19.17 -11.31
N ILE B 7 -9.46 -18.12 -10.82
CA ILE B 7 -9.64 -17.63 -9.47
C ILE B 7 -10.56 -16.41 -9.41
N ASP B 8 -11.50 -16.44 -8.47
CA ASP B 8 -12.38 -15.30 -8.20
C ASP B 8 -11.89 -14.60 -6.94
N VAL B 9 -11.64 -13.30 -7.07
CA VAL B 9 -11.06 -12.50 -6.01
C VAL B 9 -12.09 -11.56 -5.34
N VAL B 10 -13.27 -11.45 -5.93
CA VAL B 10 -14.30 -10.56 -5.41
C VAL B 10 -15.34 -11.29 -4.54
N SER B 11 -15.84 -12.42 -5.02
CA SER B 11 -16.95 -13.11 -4.36
C SER B 11 -16.51 -14.01 -3.19
N PRO B 12 -17.44 -14.32 -2.24
CA PRO B 12 -17.26 -15.35 -1.22
C PRO B 12 -18.14 -16.58 -1.47
N LEU C 5 14.81 12.04 3.14
CA LEU C 5 14.12 10.88 2.51
C LEU C 5 13.55 9.90 3.54
N CYS C 6 12.25 9.65 3.44
CA CYS C 6 11.58 8.66 4.28
C CYS C 6 12.05 7.26 3.94
N SER C 7 11.82 6.31 4.85
CA SER C 7 12.37 4.95 4.73
C SER C 7 12.05 4.25 3.41
N ARG C 8 10.80 4.37 2.97
CA ARG C 8 10.33 3.68 1.77
C ARG C 8 11.03 4.19 0.52
N ALA C 9 11.48 5.45 0.56
CA ALA C 9 12.18 6.05 -0.56
C ALA C 9 13.69 5.78 -0.53
N ARG C 10 14.15 4.93 0.40
CA ARG C 10 15.55 4.50 0.46
C ARG C 10 15.68 3.05 0.01
N PRO C 11 16.67 2.76 -0.85
CA PRO C 11 16.81 1.42 -1.41
C PRO C 11 17.18 0.37 -0.37
N LEU C 12 17.00 -0.90 -0.72
CA LEU C 12 17.51 -1.97 0.11
C LEU C 12 19.02 -1.77 0.29
N VAL C 13 19.49 -1.94 1.52
CA VAL C 13 20.88 -1.67 1.86
C VAL C 13 21.81 -2.69 1.19
#